data_5RP9
#
_entry.id   5RP9
#
_cell.length_a   68.290
_cell.length_b   68.290
_cell.length_c   103.040
_cell.angle_alpha   90.000
_cell.angle_beta   90.000
_cell.angle_gamma   90.000
#
_symmetry.space_group_name_H-M   'P 43 21 2'
#
loop_
_entity.id
_entity.type
_entity.pdbx_description
1 polymer 'Proteinase K'
2 non-polymer 'SULFATE ION'
3 non-polymer 2-(2,3-dihydro-1,4-benzodioxin-6-yl)-1H-pyrrole
4 water water
#
_entity_poly.entity_id   1
_entity_poly.type   'polypeptide(L)'
_entity_poly.pdbx_seq_one_letter_code
;AAQTNAPWGLARISSTSPGTSTYYYDESAGQGSCVYVIDTGIEASHPEFEGRAQMVKTYYYSSRDGNGHGTHCAGTVGSR
TYGVAKKTQLFGVKVLDDNGSGQYSTIIAGMDFVASDKNNRNCPKGVVASLSLGGGYSSSVNSAAARLQSSGVMVAVAAG
NNNADARNYSPASEPSVCTVGASDRYDRRSSFSNYGSVLDIFGPGTDILSTWIGGSTRSISGTSMATPHVAGLAAYLMTL
GKTTAASACRYIADTANKGDLSNIPFGTVNLLAYNNYQA
;
_entity_poly.pdbx_strand_id   A
#
# COMPACT_ATOMS: atom_id res chain seq x y z
N ALA A 1 -14.09 10.65 12.75
CA ALA A 1 -15.07 9.82 12.06
C ALA A 1 -14.94 8.37 12.52
N ALA A 2 -16.05 7.65 12.56
CA ALA A 2 -16.10 6.25 12.95
C ALA A 2 -16.83 5.45 11.88
N GLN A 3 -16.18 4.41 11.36
CA GLN A 3 -16.80 3.46 10.44
C GLN A 3 -17.07 2.17 11.21
N THR A 4 -18.34 1.88 11.48
CA THR A 4 -18.63 0.65 12.18
C THR A 4 -18.55 -0.55 11.24
N ASN A 5 -18.31 -1.72 11.84
CA ASN A 5 -18.23 -2.98 11.11
C ASN A 5 -17.26 -2.88 9.94
N ALA A 6 -16.10 -2.31 10.23
CA ALA A 6 -15.06 -2.13 9.23
C ALA A 6 -14.28 -3.42 9.08
N PRO A 7 -13.57 -3.59 7.96
CA PRO A 7 -12.67 -4.74 7.84
C PRO A 7 -11.65 -4.69 8.97
N TRP A 8 -11.23 -5.87 9.43
CA TRP A 8 -10.39 -5.91 10.63
C TRP A 8 -9.12 -5.06 10.46
N GLY A 9 -8.55 -5.01 9.26
CA GLY A 9 -7.31 -4.28 9.06
C GLY A 9 -7.46 -2.79 9.25
N LEU A 10 -8.58 -2.22 8.81
CA LEU A 10 -8.83 -0.80 9.06
C LEU A 10 -9.00 -0.55 10.55
N ALA A 11 -9.79 -1.40 11.22
CA ALA A 11 -9.93 -1.23 12.67
C ALA A 11 -8.57 -1.35 13.35
N ARG A 12 -7.72 -2.26 12.88
CA ARG A 12 -6.43 -2.47 13.52
C ARG A 12 -5.54 -1.22 13.40
N ILE A 13 -5.56 -0.56 12.25
CA ILE A 13 -4.65 0.57 12.07
C ILE A 13 -5.05 1.78 12.89
N SER A 14 -6.25 1.81 13.48
CA SER A 14 -6.62 2.90 14.36
C SER A 14 -6.77 2.45 15.81
N SER A 15 -6.16 1.33 16.18
CA SER A 15 -6.35 0.76 17.50
C SER A 15 -5.03 0.42 18.18
N THR A 16 -5.01 0.61 19.50
CA THR A 16 -3.93 0.10 20.34
C THR A 16 -4.07 -1.39 20.66
N SER A 17 -5.18 -2.03 20.25
CA SER A 17 -5.45 -3.43 20.56
C SER A 17 -6.03 -4.15 19.36
N PRO A 18 -5.69 -5.41 19.17
CA PRO A 18 -6.42 -6.23 18.19
C PRO A 18 -7.82 -6.53 18.71
N GLY A 19 -8.66 -7.04 17.81
CA GLY A 19 -9.96 -7.55 18.21
C GLY A 19 -11.10 -6.56 18.24
N THR A 20 -10.98 -5.42 17.58
CA THR A 20 -12.08 -4.46 17.48
C THR A 20 -12.47 -4.34 16.01
N SER A 21 -13.62 -3.70 15.77
CA SER A 21 -14.18 -3.70 14.41
C SER A 21 -14.64 -2.32 13.94
N THR A 22 -14.26 -1.24 14.61
CA THR A 22 -14.59 0.11 14.17
C THR A 22 -13.30 0.81 13.77
N TYR A 23 -13.32 1.47 12.61
CA TYR A 23 -12.19 2.24 12.13
C TYR A 23 -12.42 3.71 12.45
N TYR A 24 -11.46 4.34 13.12
CA TYR A 24 -11.57 5.74 13.53
C TYR A 24 -10.50 6.54 12.79
N TYR A 25 -10.90 7.67 12.21
CA TYR A 25 -9.95 8.44 11.41
C TYR A 25 -10.42 9.88 11.30
N ASP A 26 -9.48 10.79 11.07
CA ASP A 26 -9.83 12.18 10.83
C ASP A 26 -10.55 12.32 9.50
N GLU A 27 -11.64 13.11 9.50
CA GLU A 27 -12.51 13.21 8.34
C GLU A 27 -11.83 13.80 7.10
N SER A 28 -10.66 14.43 7.25
CA SER A 28 -9.93 14.90 6.07
C SER A 28 -9.65 13.76 5.10
N ALA A 29 -9.38 12.56 5.63
CA ALA A 29 -9.47 11.31 4.87
C ALA A 29 -8.59 11.29 3.63
N GLY A 30 -7.45 11.96 3.68
CA GLY A 30 -6.55 12.00 2.54
C GLY A 30 -6.99 12.90 1.40
N GLN A 31 -7.98 13.76 1.62
CA GLN A 31 -8.35 14.74 0.60
C GLN A 31 -7.15 15.57 0.19
N GLY A 32 -6.98 15.72 -1.12
CA GLY A 32 -5.89 16.53 -1.64
C GLY A 32 -4.60 15.78 -1.85
N SER A 33 -4.53 14.51 -1.44
CA SER A 33 -3.41 13.64 -1.74
C SER A 33 -3.74 12.77 -2.94
N CYS A 34 -2.73 12.09 -3.47
CA CYS A 34 -2.90 11.16 -4.57
C CYS A 34 -2.07 9.92 -4.30
N VAL A 35 -2.62 8.77 -4.70
CA VAL A 35 -1.91 7.50 -4.56
C VAL A 35 -1.92 6.79 -5.90
N TYR A 36 -0.73 6.48 -6.40
CA TYR A 36 -0.58 5.67 -7.61
C TYR A 36 -0.55 4.20 -7.19
N VAL A 37 -1.34 3.39 -7.87
CA VAL A 37 -1.37 1.95 -7.63
C VAL A 37 -0.78 1.30 -8.87
N ILE A 38 0.45 0.81 -8.74
CA ILE A 38 1.23 0.28 -9.85
C ILE A 38 1.06 -1.24 -9.81
N ASP A 39 0.24 -1.77 -10.72
CA ASP A 39 -0.28 -3.12 -10.54
C ASP A 39 -0.97 -3.61 -11.81
N THR A 40 -2.05 -4.39 -11.68
CA THR A 40 -2.77 -4.92 -12.83
C THR A 40 -3.83 -3.98 -13.38
N GLY A 41 -3.93 -2.76 -12.84
CA GLY A 41 -4.99 -1.84 -13.18
C GLY A 41 -5.96 -1.65 -12.03
N ILE A 42 -6.97 -0.81 -12.27
CA ILE A 42 -8.04 -0.56 -11.30
C ILE A 42 -9.34 -0.50 -12.07
N GLU A 43 -10.36 -1.20 -11.58
CA GLU A 43 -11.73 -1.06 -12.09
C GLU A 43 -12.31 0.23 -11.56
N ALA A 44 -12.05 1.31 -12.29
CA ALA A 44 -12.44 2.66 -11.84
C ALA A 44 -13.94 2.80 -11.70
N SER A 45 -14.71 2.03 -12.45
CA SER A 45 -16.16 2.14 -12.42
C SER A 45 -16.78 1.53 -11.17
N HIS A 46 -16.00 0.84 -10.35
CA HIS A 46 -16.55 0.23 -9.14
C HIS A 46 -17.17 1.33 -8.27
N PRO A 47 -18.42 1.16 -7.82
CA PRO A 47 -19.06 2.22 -7.01
C PRO A 47 -18.26 2.56 -5.77
N GLU A 48 -17.48 1.62 -5.26
CA GLU A 48 -16.68 1.87 -4.07
C GLU A 48 -15.65 2.97 -4.25
N PHE A 49 -15.28 3.31 -5.49
CA PHE A 49 -14.28 4.36 -5.70
C PHE A 49 -14.88 5.74 -5.87
N GLU A 50 -16.19 5.85 -6.09
CA GLU A 50 -16.89 7.14 -6.06
C GLU A 50 -16.35 8.14 -7.08
N GLY A 51 -15.85 7.65 -8.21
CA GLY A 51 -15.31 8.55 -9.21
C GLY A 51 -13.91 9.06 -8.90
N ARG A 52 -13.30 8.64 -7.79
CA ARG A 52 -11.98 9.12 -7.39
C ARG A 52 -10.86 8.29 -7.98
N ALA A 53 -11.16 7.23 -8.74
CA ALA A 53 -10.13 6.39 -9.35
C ALA A 53 -10.11 6.57 -10.86
N GLN A 54 -8.92 6.49 -11.44
CA GLN A 54 -8.78 6.60 -12.87
C GLN A 54 -7.52 5.89 -13.29
N MET A 55 -7.56 5.32 -14.50
CA MET A 55 -6.37 4.73 -15.07
C MET A 55 -5.60 5.83 -15.80
N VAL A 56 -4.29 5.91 -15.59
CA VAL A 56 -3.48 6.92 -16.26
C VAL A 56 -2.47 6.34 -17.23
N LYS A 57 -2.19 5.04 -17.19
CA LYS A 57 -1.16 4.46 -18.04
C LYS A 57 -1.33 2.95 -18.09
N THR A 58 -1.15 2.39 -19.28
CA THR A 58 -1.00 0.95 -19.39
C THR A 58 0.07 0.66 -20.43
N TYR A 59 0.69 -0.52 -20.30
CA TYR A 59 1.69 -1.01 -21.25
C TYR A 59 1.15 -2.17 -22.09
N TYR A 60 -0.15 -2.44 -21.99
CA TYR A 60 -0.80 -3.60 -22.62
C TYR A 60 -1.98 -3.12 -23.45
N TYR A 61 -2.70 -4.07 -24.07
CA TYR A 61 -3.76 -3.70 -25.01
C TYR A 61 -4.95 -3.04 -24.34
N SER A 62 -5.06 -3.14 -23.02
CA SER A 62 -6.13 -2.47 -22.32
C SER A 62 -5.59 -1.91 -21.01
N SER A 63 -6.26 -0.89 -20.49
CA SER A 63 -5.97 -0.42 -19.15
C SER A 63 -6.88 -1.04 -18.11
N ARG A 64 -7.82 -1.88 -18.53
CA ARG A 64 -8.74 -2.52 -17.59
C ARG A 64 -8.01 -3.56 -16.75
N ASP A 65 -8.48 -3.71 -15.52
CA ASP A 65 -7.99 -4.76 -14.63
C ASP A 65 -8.76 -6.03 -14.94
N GLY A 66 -8.12 -6.95 -15.67
CA GLY A 66 -8.70 -8.24 -15.95
C GLY A 66 -8.31 -9.31 -14.95
N ASN A 67 -7.65 -8.92 -13.86
CA ASN A 67 -7.18 -9.84 -12.85
C ASN A 67 -7.90 -9.70 -11.52
N GLY A 68 -7.93 -8.48 -10.98
CA GLY A 68 -8.56 -8.19 -9.69
C GLY A 68 -7.57 -7.69 -8.66
N HIS A 69 -6.32 -8.13 -8.77
CA HIS A 69 -5.31 -7.81 -7.75
C HIS A 69 -5.17 -6.30 -7.58
N GLY A 70 -5.03 -5.56 -8.69
CA GLY A 70 -4.85 -4.12 -8.58
C GLY A 70 -6.08 -3.41 -8.04
N THR A 71 -7.27 -3.90 -8.40
CA THR A 71 -8.51 -3.33 -7.88
C THR A 71 -8.61 -3.55 -6.37
N HIS A 72 -8.17 -4.71 -5.91
CA HIS A 72 -8.21 -5.02 -4.49
C HIS A 72 -7.25 -4.11 -3.72
N CYS A 73 -6.02 -3.96 -4.22
CA CYS A 73 -5.06 -3.07 -3.58
C CYS A 73 -5.57 -1.64 -3.57
N ALA A 74 -6.09 -1.17 -4.72
CA ALA A 74 -6.62 0.19 -4.77
C ALA A 74 -7.77 0.39 -3.78
N GLY A 75 -8.61 -0.63 -3.61
CA GLY A 75 -9.68 -0.54 -2.63
C GLY A 75 -9.18 -0.39 -1.21
N THR A 76 -8.06 -1.04 -0.88
CA THR A 76 -7.50 -0.90 0.46
C THR A 76 -6.88 0.49 0.67
N VAL A 77 -6.34 1.09 -0.40
CA VAL A 77 -5.85 2.46 -0.27
C VAL A 77 -7.00 3.42 -0.01
N GLY A 78 -8.04 3.35 -0.83
CA GLY A 78 -8.97 4.48 -0.87
C GLY A 78 -10.43 4.25 -1.19
N SER A 79 -10.93 3.01 -1.16
CA SER A 79 -12.37 2.85 -1.38
C SER A 79 -13.17 3.32 -0.16
N ARG A 80 -14.46 3.62 -0.40
CA ARG A 80 -15.29 4.19 0.66
C ARG A 80 -15.45 3.24 1.85
N THR A 81 -15.65 1.93 1.60
CA THR A 81 -15.84 0.97 2.68
C THR A 81 -14.54 0.29 3.08
N TYR A 82 -13.67 -0.03 2.13
CA TYR A 82 -12.51 -0.87 2.40
C TYR A 82 -11.20 -0.11 2.50
N GLY A 83 -11.21 1.22 2.33
CA GLY A 83 -9.99 1.99 2.24
C GLY A 83 -9.59 2.75 3.49
N VAL A 84 -8.27 2.94 3.60
CA VAL A 84 -7.69 3.72 4.69
C VAL A 84 -7.93 5.22 4.48
N ALA A 85 -7.73 5.71 3.26
CA ALA A 85 -7.76 7.14 2.92
C ALA A 85 -8.95 7.35 1.97
N LYS A 86 -10.11 7.61 2.55
CA LYS A 86 -11.35 7.47 1.79
C LYS A 86 -11.65 8.63 0.86
N LYS A 87 -10.84 9.69 0.88
CA LYS A 87 -11.02 10.81 -0.03
C LYS A 87 -9.81 11.07 -0.92
N THR A 88 -8.83 10.15 -0.95
CA THR A 88 -7.68 10.34 -1.82
C THR A 88 -8.07 10.14 -3.30
N GLN A 89 -7.24 10.64 -4.20
CA GLN A 89 -7.37 10.36 -5.60
C GLN A 89 -6.47 9.17 -5.94
N LEU A 90 -7.00 8.23 -6.72
CA LEU A 90 -6.29 7.00 -7.06
C LEU A 90 -5.98 7.01 -8.54
N PHE A 91 -4.72 6.75 -8.88
CA PHE A 91 -4.26 6.70 -10.27
C PHE A 91 -3.69 5.32 -10.55
N GLY A 92 -4.23 4.64 -11.55
CA GLY A 92 -3.77 3.29 -11.88
C GLY A 92 -2.73 3.29 -12.98
N VAL A 93 -1.68 2.50 -12.78
CA VAL A 93 -0.62 2.30 -13.76
C VAL A 93 -0.49 0.80 -13.95
N LYS A 94 -0.89 0.31 -15.13
CA LYS A 94 -0.95 -1.14 -15.36
C LYS A 94 0.38 -1.61 -15.93
N VAL A 95 1.27 -2.07 -15.03
CA VAL A 95 2.53 -2.70 -15.39
C VAL A 95 2.46 -4.20 -15.38
N LEU A 96 1.38 -4.78 -14.86
CA LEU A 96 1.22 -6.23 -14.81
C LEU A 96 0.09 -6.62 -15.73
N ASP A 97 0.26 -7.74 -16.43
CA ASP A 97 -0.80 -8.25 -17.30
C ASP A 97 -1.93 -8.87 -16.48
N ASP A 98 -2.94 -9.39 -17.20
CA ASP A 98 -4.12 -9.91 -16.52
C ASP A 98 -3.87 -11.23 -15.80
N ASN A 99 -2.71 -11.86 -15.98
CA ASN A 99 -2.32 -12.99 -15.16
C ASN A 99 -1.48 -12.57 -13.97
N GLY A 100 -1.30 -11.26 -13.75
CA GLY A 100 -0.50 -10.76 -12.66
C GLY A 100 1.00 -10.71 -12.91
N SER A 101 1.44 -10.92 -14.14
CA SER A 101 2.86 -10.98 -14.45
C SER A 101 3.30 -9.73 -15.22
N GLY A 102 4.57 -9.38 -15.06
CA GLY A 102 5.13 -8.28 -15.82
C GLY A 102 6.64 -8.34 -15.85
N GLN A 103 7.20 -7.89 -16.97
CA GLN A 103 8.65 -7.81 -17.10
C GLN A 103 9.21 -6.67 -16.25
N TYR A 104 10.40 -6.89 -15.69
CA TYR A 104 11.04 -5.84 -14.91
C TYR A 104 11.20 -4.55 -15.71
N SER A 105 11.49 -4.65 -17.01
CA SER A 105 11.67 -3.45 -17.81
C SER A 105 10.39 -2.60 -17.86
N THR A 106 9.23 -3.26 -17.89
CA THR A 106 7.96 -2.55 -17.85
C THR A 106 7.72 -1.94 -16.48
N ILE A 107 8.04 -2.69 -15.42
CA ILE A 107 7.84 -2.17 -14.07
C ILE A 107 8.71 -0.94 -13.84
N ILE A 108 9.95 -0.97 -14.30
CA ILE A 108 10.85 0.19 -14.21
C ILE A 108 10.28 1.38 -14.98
N ALA A 109 9.84 1.14 -16.21
CA ALA A 109 9.22 2.20 -16.99
C ALA A 109 8.02 2.80 -16.25
N GLY A 110 7.23 1.96 -15.58
CA GLY A 110 6.09 2.48 -14.86
C GLY A 110 6.49 3.34 -13.68
N MET A 111 7.57 2.99 -12.99
CA MET A 111 7.99 3.81 -11.86
C MET A 111 8.52 5.15 -12.34
N ASP A 112 9.29 5.15 -13.43
CA ASP A 112 9.75 6.42 -13.95
C ASP A 112 8.59 7.25 -14.50
N PHE A 113 7.56 6.58 -15.01
CA PHE A 113 6.35 7.29 -15.44
C PHE A 113 5.73 8.06 -14.28
N VAL A 114 5.59 7.39 -13.12
CA VAL A 114 4.95 8.05 -11.99
C VAL A 114 5.77 9.25 -11.52
N ALA A 115 7.10 9.12 -11.53
CA ALA A 115 7.94 10.23 -11.08
C ALA A 115 7.72 11.47 -11.93
N SER A 116 7.45 11.29 -13.21
CA SER A 116 7.14 12.42 -14.08
C SER A 116 5.66 12.79 -14.03
N ASP A 117 4.80 11.77 -14.05
CA ASP A 117 3.37 12.01 -14.21
C ASP A 117 2.78 12.80 -13.04
N LYS A 118 3.38 12.70 -11.85
CA LYS A 118 2.84 13.47 -10.74
C LYS A 118 2.82 14.97 -11.05
N ASN A 119 3.69 15.43 -11.93
CA ASN A 119 3.71 16.83 -12.33
C ASN A 119 2.55 17.19 -13.24
N ASN A 120 1.76 16.21 -13.65
CA ASN A 120 0.56 16.42 -14.45
C ASN A 120 -0.71 16.26 -13.63
N ARG A 121 -0.59 16.10 -12.31
CA ARG A 121 -1.72 15.85 -11.43
C ARG A 121 -1.75 16.89 -10.32
N ASN A 122 -2.93 17.07 -9.74
CA ASN A 122 -3.12 18.02 -8.64
C ASN A 122 -3.16 17.24 -7.34
N CYS A 123 -2.07 17.32 -6.58
CA CYS A 123 -1.89 16.57 -5.34
C CYS A 123 -1.24 17.49 -4.31
N PRO A 124 -1.94 18.56 -3.92
CA PRO A 124 -1.30 19.56 -3.06
C PRO A 124 -0.83 19.02 -1.71
N LYS A 125 -1.43 17.94 -1.22
CA LYS A 125 -1.01 17.36 0.06
C LYS A 125 0.05 16.29 -0.08
N GLY A 126 0.37 15.85 -1.29
CA GLY A 126 1.47 14.94 -1.52
C GLY A 126 1.05 13.70 -2.29
N VAL A 127 2.07 12.94 -2.67
CA VAL A 127 1.95 11.84 -3.62
C VAL A 127 2.56 10.58 -3.01
N VAL A 128 1.85 9.46 -3.17
CA VAL A 128 2.24 8.15 -2.68
C VAL A 128 2.21 7.17 -3.85
N ALA A 129 3.06 6.16 -3.81
CA ALA A 129 3.00 5.07 -4.78
C ALA A 129 2.97 3.75 -4.02
N SER A 130 2.05 2.88 -4.40
CA SER A 130 1.88 1.58 -3.76
C SER A 130 2.28 0.51 -4.77
N LEU A 131 3.29 -0.30 -4.43
CA LEU A 131 3.85 -1.30 -5.33
C LEU A 131 3.70 -2.68 -4.68
N SER A 132 2.56 -3.32 -4.94
CA SER A 132 2.30 -4.67 -4.44
C SER A 132 2.79 -5.67 -5.48
N LEU A 133 4.11 -5.69 -5.67
CA LEU A 133 4.70 -6.54 -6.70
C LEU A 133 6.17 -6.76 -6.38
N GLY A 134 6.78 -7.64 -7.15
CA GLY A 134 8.21 -7.82 -7.05
C GLY A 134 8.63 -9.18 -7.52
N GLY A 135 9.92 -9.42 -7.42
CA GLY A 135 10.51 -10.69 -7.80
C GLY A 135 11.90 -10.76 -7.18
N GLY A 136 12.79 -11.49 -7.83
CA GLY A 136 14.13 -11.64 -7.32
C GLY A 136 14.94 -10.36 -7.37
N TYR A 137 16.05 -10.36 -6.65
CA TYR A 137 16.88 -9.17 -6.52
C TYR A 137 17.28 -8.63 -7.89
N SER A 138 17.12 -7.32 -8.06
CA SER A 138 17.59 -6.62 -9.24
C SER A 138 18.03 -5.22 -8.84
N SER A 139 19.30 -4.89 -9.07
CA SER A 139 19.78 -3.56 -8.78
C SER A 139 19.03 -2.50 -9.59
N SER A 140 18.66 -2.84 -10.83
CA SER A 140 17.95 -1.87 -11.67
C SER A 140 16.55 -1.58 -11.13
N VAL A 141 15.85 -2.60 -10.67
CA VAL A 141 14.52 -2.39 -10.09
C VAL A 141 14.62 -1.57 -8.81
N ASN A 142 15.62 -1.88 -7.97
CA ASN A 142 15.79 -1.11 -6.73
C ASN A 142 16.11 0.34 -7.05
N SER A 143 16.97 0.57 -8.05
CA SER A 143 17.33 1.94 -8.43
C SER A 143 16.11 2.72 -8.91
N ALA A 144 15.22 2.06 -9.66
CA ALA A 144 14.01 2.74 -10.13
C ALA A 144 13.12 3.14 -8.95
N ALA A 145 13.02 2.26 -7.95
CA ALA A 145 12.23 2.59 -6.77
C ALA A 145 12.87 3.74 -5.99
N ALA A 146 14.19 3.74 -5.89
CA ALA A 146 14.91 4.82 -5.22
C ALA A 146 14.73 6.15 -5.96
N ARG A 147 14.75 6.13 -7.30
CA ARG A 147 14.48 7.35 -8.06
C ARG A 147 13.07 7.86 -7.79
N LEU A 148 12.09 6.97 -7.80
CA LEU A 148 10.73 7.42 -7.56
C LEU A 148 10.61 8.08 -6.20
N GLN A 149 11.21 7.47 -5.18
CA GLN A 149 11.21 8.05 -3.84
C GLN A 149 11.91 9.40 -3.84
N SER A 150 13.10 9.46 -4.46
CA SER A 150 13.87 10.71 -4.48
C SER A 150 13.10 11.84 -5.15
N SER A 151 12.23 11.52 -6.12
CA SER A 151 11.47 12.53 -6.85
C SER A 151 10.38 13.17 -6.01
N GLY A 152 10.15 12.69 -4.80
CA GLY A 152 9.16 13.25 -3.93
C GLY A 152 7.89 12.44 -3.79
N VAL A 153 7.95 11.13 -4.01
CA VAL A 153 6.82 10.23 -3.87
C VAL A 153 7.11 9.29 -2.71
N MET A 154 6.14 9.12 -1.82
CA MET A 154 6.27 8.15 -0.74
C MET A 154 6.04 6.77 -1.35
N VAL A 155 7.09 5.96 -1.44
CA VAL A 155 7.02 4.65 -2.07
C VAL A 155 6.88 3.57 -1.00
N ALA A 156 5.79 2.81 -1.08
CA ALA A 156 5.54 1.64 -0.23
C ALA A 156 5.57 0.40 -1.11
N VAL A 157 6.35 -0.61 -0.70
CA VAL A 157 6.52 -1.81 -1.51
C VAL A 157 6.27 -3.05 -0.65
N ALA A 158 5.78 -4.10 -1.28
CA ALA A 158 5.55 -5.36 -0.58
C ALA A 158 6.85 -6.06 -0.23
N ALA A 159 6.90 -6.64 0.98
CA ALA A 159 8.11 -7.38 1.36
C ALA A 159 8.25 -8.69 0.60
N GLY A 160 7.15 -9.29 0.18
CA GLY A 160 7.13 -10.56 -0.50
C GLY A 160 6.55 -11.66 0.39
N ASN A 161 6.11 -12.74 -0.27
CA ASN A 161 5.36 -13.82 0.36
C ASN A 161 6.11 -15.14 0.41
N ASN A 162 7.43 -15.08 0.59
CA ASN A 162 8.27 -16.26 0.54
C ASN A 162 8.66 -16.81 1.90
N ASN A 163 8.18 -16.21 2.99
CA ASN A 163 8.61 -16.58 4.35
C ASN A 163 10.14 -16.65 4.44
N ALA A 164 10.79 -15.62 3.89
CA ALA A 164 12.24 -15.59 3.75
C ALA A 164 12.73 -14.17 3.96
N ASP A 165 14.05 -14.00 4.01
CA ASP A 165 14.61 -12.66 4.16
C ASP A 165 14.39 -11.85 2.88
N ALA A 166 13.82 -10.67 3.04
CA ALA A 166 13.48 -9.84 1.89
C ALA A 166 14.71 -9.26 1.20
N ARG A 167 15.92 -9.44 1.76
CA ARG A 167 17.12 -8.95 1.11
C ARG A 167 17.30 -9.51 -0.30
N ASN A 168 16.68 -10.64 -0.62
CA ASN A 168 16.86 -11.27 -1.93
C ASN A 168 15.75 -10.97 -2.90
N TYR A 169 14.93 -9.96 -2.62
CA TYR A 169 13.81 -9.61 -3.47
C TYR A 169 13.81 -8.13 -3.78
N SER A 170 13.21 -7.76 -4.92
CA SER A 170 13.18 -6.37 -5.36
C SER A 170 11.78 -6.03 -5.82
N PRO A 171 11.31 -4.80 -5.55
CA PRO A 171 12.03 -3.70 -4.89
C PRO A 171 12.07 -3.75 -3.34
N ALA A 172 11.65 -4.89 -2.76
CA ALA A 172 11.63 -5.01 -1.30
C ALA A 172 12.97 -4.64 -0.65
N SER A 173 14.08 -5.02 -1.27
CA SER A 173 15.39 -4.84 -0.65
C SER A 173 15.95 -3.43 -0.84
N GLU A 174 15.23 -2.51 -1.48
CA GLU A 174 15.77 -1.16 -1.67
C GLU A 174 15.68 -0.40 -0.35
N PRO A 175 16.80 0.08 0.21
CA PRO A 175 16.74 0.71 1.53
C PRO A 175 15.91 1.98 1.62
N SER A 176 15.82 2.76 0.54
CA SER A 176 15.25 4.10 0.67
C SER A 176 13.73 4.14 0.58
N VAL A 177 13.07 3.02 0.27
CA VAL A 177 11.61 2.95 0.17
C VAL A 177 11.07 2.26 1.42
N CYS A 178 9.75 2.20 1.54
CA CYS A 178 9.11 1.67 2.73
C CYS A 178 8.70 0.23 2.45
N THR A 179 9.40 -0.73 3.04
CA THR A 179 9.13 -2.14 2.76
C THR A 179 8.20 -2.71 3.83
N VAL A 180 7.09 -3.31 3.39
CA VAL A 180 5.94 -3.61 4.25
C VAL A 180 5.75 -5.12 4.37
N GLY A 181 5.80 -5.62 5.61
CA GLY A 181 5.43 -6.99 5.89
C GLY A 181 3.97 -7.12 6.29
N ALA A 182 3.51 -8.37 6.44
CA ALA A 182 2.10 -8.63 6.68
C ALA A 182 1.88 -9.29 8.04
N SER A 183 0.79 -8.89 8.70
CA SER A 183 0.33 -9.47 9.96
C SER A 183 -1.13 -9.92 9.85
N ASP A 184 -1.57 -10.72 10.83
CA ASP A 184 -2.93 -11.23 10.86
C ASP A 184 -3.74 -10.60 12.00
N ARG A 185 -5.03 -10.97 12.07
CA ARG A 185 -5.95 -10.31 13.00
C ARG A 185 -5.64 -10.62 14.45
N TYR A 186 -4.79 -11.60 14.74
CA TYR A 186 -4.36 -11.91 16.09
C TYR A 186 -2.97 -11.35 16.39
N ASP A 187 -2.52 -10.41 15.56
CA ASP A 187 -1.22 -9.78 15.75
C ASP A 187 -0.06 -10.77 15.65
N ARG A 188 -0.22 -11.81 14.84
CA ARG A 188 0.87 -12.70 14.47
C ARG A 188 1.41 -12.27 13.12
N ARG A 189 2.73 -12.36 12.93
CA ARG A 189 3.29 -12.29 11.60
C ARG A 189 2.54 -13.24 10.67
N SER A 190 2.14 -12.74 9.51
CA SER A 190 1.48 -13.62 8.55
C SER A 190 2.43 -14.76 8.17
N SER A 191 1.88 -15.95 8.00
CA SER A 191 2.74 -17.14 7.85
C SER A 191 3.63 -17.09 6.61
N PHE A 192 3.24 -16.32 5.61
CA PHE A 192 3.98 -16.18 4.36
C PHE A 192 4.88 -14.96 4.33
N SER A 193 4.79 -14.07 5.31
CA SER A 193 5.42 -12.77 5.15
C SER A 193 6.93 -12.89 5.19
N ASN A 194 7.59 -12.25 4.22
CA ASN A 194 9.02 -12.07 4.33
C ASN A 194 9.35 -11.20 5.55
N TYR A 195 10.62 -11.22 5.91
CA TYR A 195 11.12 -10.56 7.10
C TYR A 195 12.53 -10.06 6.81
N GLY A 196 13.21 -9.59 7.85
CA GLY A 196 14.60 -9.18 7.72
C GLY A 196 14.79 -7.71 8.04
N SER A 197 16.07 -7.34 8.10
CA SER A 197 16.46 -5.97 8.44
C SER A 197 15.92 -4.93 7.46
N VAL A 198 15.61 -5.31 6.22
CA VAL A 198 15.12 -4.31 5.26
C VAL A 198 13.67 -3.92 5.49
N LEU A 199 12.89 -4.71 6.24
CA LEU A 199 11.52 -4.31 6.52
C LEU A 199 11.50 -3.04 7.35
N ASP A 200 10.55 -2.17 7.05
CA ASP A 200 10.33 -0.94 7.81
C ASP A 200 9.12 -0.98 8.72
N ILE A 201 8.12 -1.78 8.39
CA ILE A 201 6.82 -1.70 9.04
C ILE A 201 6.02 -2.94 8.65
N PHE A 202 5.04 -3.30 9.49
CA PHE A 202 4.06 -4.32 9.18
C PHE A 202 2.67 -3.69 9.08
N GLY A 203 1.85 -4.26 8.20
CA GLY A 203 0.46 -3.88 8.10
C GLY A 203 -0.42 -5.11 7.94
N PRO A 204 -1.74 -4.94 8.09
CA PRO A 204 -2.66 -6.08 7.98
C PRO A 204 -2.58 -6.73 6.60
N GLY A 205 -2.34 -8.04 6.58
CA GLY A 205 -2.16 -8.73 5.32
C GLY A 205 -2.84 -10.08 5.16
N THR A 206 -3.41 -10.64 6.23
CA THR A 206 -4.09 -11.93 6.14
C THR A 206 -5.61 -11.70 6.19
N ASP A 207 -6.32 -12.23 5.19
CA ASP A 207 -7.78 -12.18 5.10
C ASP A 207 -8.30 -10.75 5.07
N ILE A 208 -7.90 -10.03 4.02
CA ILE A 208 -8.21 -8.62 3.85
C ILE A 208 -9.34 -8.46 2.84
N LEU A 209 -10.49 -7.96 3.29
CA LEU A 209 -11.63 -7.73 2.41
C LEU A 209 -11.46 -6.41 1.66
N SER A 210 -11.67 -6.43 0.35
CA SER A 210 -11.57 -5.22 -0.45
C SER A 210 -12.37 -5.39 -1.74
N THR A 211 -12.30 -4.38 -2.60
CA THR A 211 -12.96 -4.41 -3.89
C THR A 211 -12.36 -5.47 -4.81
N TRP A 212 -13.19 -5.97 -5.73
CA TRP A 212 -12.74 -6.89 -6.77
C TRP A 212 -13.42 -6.51 -8.08
N ILE A 213 -12.93 -7.11 -9.18
CA ILE A 213 -13.49 -6.79 -10.49
C ILE A 213 -14.90 -7.35 -10.63
N GLY A 214 -15.62 -6.84 -11.63
CA GLY A 214 -17.03 -7.15 -11.73
C GLY A 214 -17.89 -6.48 -10.67
N GLY A 215 -17.41 -5.39 -10.08
CA GLY A 215 -18.17 -4.68 -9.07
C GLY A 215 -18.38 -5.47 -7.80
N SER A 216 -17.46 -6.38 -7.50
CA SER A 216 -17.63 -7.31 -6.40
C SER A 216 -16.68 -6.98 -5.24
N THR A 217 -16.60 -7.90 -4.28
CA THR A 217 -15.64 -7.82 -3.18
C THR A 217 -15.13 -9.22 -2.89
N ARG A 218 -13.93 -9.29 -2.31
CA ARG A 218 -13.44 -10.57 -1.82
C ARG A 218 -12.30 -10.33 -0.85
N SER A 219 -12.01 -11.37 -0.08
CA SER A 219 -10.96 -11.32 0.93
C SER A 219 -9.81 -12.19 0.45
N ILE A 220 -8.61 -11.60 0.38
CA ILE A 220 -7.39 -12.33 0.02
C ILE A 220 -6.26 -11.92 0.96
N SER A 221 -5.14 -12.63 0.83
CA SER A 221 -4.02 -12.47 1.75
C SER A 221 -2.72 -12.24 0.99
N GLY A 222 -1.84 -11.45 1.59
CA GLY A 222 -0.50 -11.28 1.03
C GLY A 222 0.13 -10.01 1.55
N THR A 223 1.45 -9.91 1.36
CA THR A 223 2.09 -8.62 1.61
C THR A 223 1.61 -7.58 0.61
N SER A 224 1.00 -8.02 -0.51
CA SER A 224 0.34 -7.11 -1.43
C SER A 224 -0.84 -6.40 -0.78
N MET A 225 -1.45 -7.00 0.23
CA MET A 225 -2.57 -6.39 0.95
C MET A 225 -2.11 -5.47 2.07
N ALA A 226 -0.95 -5.75 2.67
CA ALA A 226 -0.43 -4.90 3.74
C ALA A 226 0.10 -3.59 3.17
N THR A 227 0.78 -3.66 2.04
CA THR A 227 1.35 -2.47 1.39
C THR A 227 0.35 -1.33 1.20
N PRO A 228 -0.83 -1.55 0.62
CA PRO A 228 -1.77 -0.42 0.46
C PRO A 228 -2.33 0.12 1.76
N HIS A 229 -2.35 -0.65 2.85
CA HIS A 229 -2.69 -0.06 4.14
C HIS A 229 -1.69 1.03 4.51
N VAL A 230 -0.40 0.74 4.33
CA VAL A 230 0.65 1.71 4.62
C VAL A 230 0.62 2.87 3.65
N ALA A 231 0.42 2.59 2.35
CA ALA A 231 0.29 3.67 1.35
C ALA A 231 -0.88 4.59 1.68
N GLY A 232 -2.05 4.01 2.00
CA GLY A 232 -3.17 4.83 2.37
C GLY A 232 -2.93 5.62 3.65
N LEU A 233 -2.26 4.99 4.61
CA LEU A 233 -1.93 5.70 5.85
C LEU A 233 -1.01 6.88 5.57
N ALA A 234 0.00 6.70 4.71
CA ALA A 234 0.88 7.81 4.34
C ALA A 234 0.10 8.97 3.73
N ALA A 235 -0.81 8.66 2.79
CA ALA A 235 -1.61 9.72 2.17
C ALA A 235 -2.46 10.45 3.21
N TYR A 236 -3.06 9.70 4.13
CA TYR A 236 -3.85 10.27 5.21
C TYR A 236 -3.01 11.17 6.11
N LEU A 237 -1.81 10.73 6.47
CA LEU A 237 -0.99 11.54 7.36
C LEU A 237 -0.43 12.77 6.66
N MET A 238 -0.16 12.65 5.36
CA MET A 238 0.35 13.77 4.59
C MET A 238 -0.74 14.84 4.45
N THR A 239 -1.98 14.42 4.22
CA THR A 239 -3.09 15.37 4.20
C THR A 239 -3.23 16.10 5.54
N LEU A 240 -3.02 15.38 6.66
CA LEU A 240 -3.09 16.02 7.97
C LEU A 240 -1.91 16.94 8.23
N GLY A 241 -0.93 16.98 7.34
CA GLY A 241 0.26 17.79 7.56
C GLY A 241 1.22 17.25 8.59
N LYS A 242 1.08 15.98 8.98
CA LYS A 242 1.95 15.40 10.00
C LYS A 242 3.28 14.91 9.45
N THR A 243 3.40 14.71 8.14
CA THR A 243 4.65 14.19 7.57
C THR A 243 4.69 14.57 6.10
N THR A 244 5.80 14.23 5.45
CA THR A 244 6.06 14.49 4.04
C THR A 244 6.41 13.18 3.35
N ALA A 245 6.46 13.22 2.01
CA ALA A 245 6.82 12.02 1.26
C ALA A 245 8.18 11.48 1.69
N ALA A 246 9.15 12.37 1.90
CA ALA A 246 10.51 11.94 2.23
C ALA A 246 10.57 11.27 3.59
N SER A 247 9.70 11.69 4.52
CA SER A 247 9.82 11.27 5.91
C SER A 247 8.71 10.34 6.37
N ALA A 248 7.76 10.01 5.50
CA ALA A 248 6.54 9.35 5.96
C ALA A 248 6.82 7.93 6.47
N CYS A 249 7.71 7.20 5.81
CA CYS A 249 8.02 5.85 6.29
C CYS A 249 8.63 5.91 7.69
N ARG A 250 9.59 6.80 7.89
CA ARG A 250 10.19 6.97 9.21
C ARG A 250 9.17 7.42 10.24
N TYR A 251 8.26 8.30 9.85
CA TYR A 251 7.22 8.76 10.77
C TYR A 251 6.28 7.62 11.13
N ILE A 252 5.86 6.84 10.14
CA ILE A 252 5.00 5.70 10.42
C ILE A 252 5.67 4.72 11.39
N ALA A 253 6.96 4.44 11.17
CA ALA A 253 7.67 3.54 12.07
C ALA A 253 7.81 4.14 13.47
N ASP A 254 8.09 5.44 13.56
CA ASP A 254 8.23 6.08 14.87
C ASP A 254 6.93 6.07 15.67
N THR A 255 5.79 6.18 14.98
CA THR A 255 4.49 6.29 15.64
C THR A 255 3.73 4.97 15.65
N ALA A 256 4.39 3.87 15.28
CA ALA A 256 3.72 2.59 15.14
C ALA A 256 3.42 2.00 16.52
N ASN A 257 2.53 1.02 16.54
CA ASN A 257 2.39 0.18 17.72
C ASN A 257 3.62 -0.73 17.79
N LYS A 258 4.32 -0.72 18.93
CA LYS A 258 5.63 -1.32 19.06
C LYS A 258 5.58 -2.57 19.91
N GLY A 259 6.22 -3.64 19.42
CA GLY A 259 6.41 -4.85 20.20
C GLY A 259 5.17 -5.68 20.41
N ASP A 260 4.13 -5.47 19.60
CA ASP A 260 2.85 -6.13 19.81
C ASP A 260 2.65 -7.35 18.91
N LEU A 261 3.54 -7.59 17.95
CA LEU A 261 3.41 -8.71 17.02
C LEU A 261 4.19 -9.92 17.52
N SER A 262 3.62 -11.10 17.30
CA SER A 262 4.28 -12.34 17.65
C SER A 262 4.90 -12.99 16.41
N ASN A 263 5.87 -13.87 16.65
CA ASN A 263 6.60 -14.57 15.59
C ASN A 263 7.37 -13.63 14.66
N ILE A 264 7.90 -12.55 15.21
CA ILE A 264 8.81 -11.66 14.47
C ILE A 264 10.24 -12.12 14.76
N PRO A 265 11.02 -12.49 13.75
CA PRO A 265 12.39 -12.97 14.01
C PRO A 265 13.29 -11.88 14.54
N PHE A 266 14.25 -12.31 15.35
CA PHE A 266 15.33 -11.45 15.82
C PHE A 266 15.91 -10.67 14.65
N GLY A 267 15.97 -9.34 14.79
CA GLY A 267 16.55 -8.47 13.79
C GLY A 267 15.56 -7.87 12.81
N THR A 268 14.30 -8.26 12.88
CA THR A 268 13.22 -7.64 12.13
C THR A 268 12.44 -6.72 13.06
N VAL A 269 12.05 -5.54 12.56
CA VAL A 269 11.31 -4.58 13.38
C VAL A 269 9.99 -5.20 13.82
N ASN A 270 9.57 -4.86 15.04
CA ASN A 270 8.28 -5.25 15.55
C ASN A 270 7.43 -3.99 15.66
N LEU A 271 6.92 -3.55 14.51
CA LEU A 271 6.23 -2.28 14.37
C LEU A 271 5.01 -2.49 13.49
N LEU A 272 3.85 -2.07 13.96
CA LEU A 272 2.58 -2.25 13.27
C LEU A 272 1.97 -0.89 12.98
N ALA A 273 1.65 -0.62 11.71
CA ALA A 273 1.16 0.68 11.28
C ALA A 273 -0.04 1.13 12.10
N TYR A 274 -0.03 2.40 12.52
CA TYR A 274 -1.02 2.93 13.46
C TYR A 274 -1.20 4.41 13.18
N ASN A 275 -2.46 4.85 13.07
CA ASN A 275 -2.74 6.25 12.72
C ASN A 275 -2.75 7.21 13.91
N ASN A 276 -2.67 6.70 15.15
CA ASN A 276 -2.65 7.53 16.36
C ASN A 276 -3.81 8.53 16.39
N TYR A 277 -4.95 8.16 15.79
CA TYR A 277 -6.07 9.08 15.79
C TYR A 277 -6.77 9.03 17.14
N GLN A 278 -6.99 10.20 17.72
CA GLN A 278 -7.72 10.34 18.97
C GLN A 278 -9.10 10.90 18.63
N ALA A 279 -10.12 10.03 18.72
CA ALA A 279 -11.47 10.45 18.36
C ALA A 279 -12.00 11.48 19.35
#